data_4XKB
#
_entry.id   4XKB
#
_cell.length_a   32.792
_cell.length_b   64.010
_cell.length_c   105.432
_cell.angle_alpha   90.00
_cell.angle_beta   90.00
_cell.angle_gamma   90.00
#
_symmetry.space_group_name_H-M   'P 21 21 21'
#
loop_
_entity.id
_entity.type
_entity.pdbx_description
1 polymer 'Ycf53-like protein'
2 non-polymer "3,3'-(3,7,12,17-tetramethylporphyrin-2,18-diyl)dipropanoic acid"
3 water water
#
_entity_poly.entity_id   1
_entity_poly.type   'polypeptide(L)'
_entity_poly.pdbx_seq_one_letter_code
;MSDNLTELSQQLHDASEKKQLTAIAALAEMGEGGQGILLDYLAKNVPLEKPVLAVGNVYQTLRNLEQETITTQLQRNYPT
GIFPLQSAQGIDYLPLQEALGSQDFETADEITRDKLCELAGPGASQRQWLYFTEVEKFPALDLHTINALWWLHSNGNFGF
SVQRRLWLASGKEFTKLWPKIGWKSGNVWTRWPKGFTWDLSAPQGHLPLLNQLRGVRVAESLYRHPVWSQYGW
;
_entity_poly.pdbx_strand_id   A
#
loop_
_chem_comp.id
_chem_comp.type
_chem_comp.name
_chem_comp.formula
DE9 non-polymer '3,3'-(3,7,12,17-tetramethylporphyrin-2,18-diyl)dipropanoic acid' 'C30 H30 N4 O4'
#
# COMPACT_ATOMS: atom_id res chain seq x y z
N ASP A 3 27.73 17.92 11.51
CA ASP A 3 27.21 17.36 12.76
C ASP A 3 26.40 16.10 12.52
N ASN A 4 26.14 15.36 13.59
CA ASN A 4 25.47 14.06 13.50
C ASN A 4 24.12 14.06 12.78
N LEU A 5 23.28 15.05 13.07
CA LEU A 5 21.95 15.08 12.50
C LEU A 5 22.02 15.37 11.01
N THR A 6 22.93 16.26 10.65
CA THR A 6 23.15 16.57 9.23
C THR A 6 23.61 15.32 8.48
N GLU A 7 24.52 14.56 9.07
CA GLU A 7 24.94 13.30 8.46
C GLU A 7 23.76 12.37 8.23
N LEU A 8 22.87 12.29 9.22
CA LEU A 8 21.65 11.48 9.09
C LEU A 8 20.75 11.97 7.96
N SER A 9 20.62 13.29 7.83
CA SER A 9 19.85 13.88 6.75
C SER A 9 20.36 13.39 5.41
N GLN A 10 21.69 13.32 5.29
CA GLN A 10 22.29 12.89 4.04
C GLN A 10 22.05 11.41 3.77
N GLN A 11 21.85 10.64 4.85
CA GLN A 11 21.62 9.21 4.74
C GLN A 11 20.22 8.89 4.19
N LEU A 12 19.36 9.90 4.15
CA LEU A 12 18.00 9.73 3.62
C LEU A 12 18.05 9.46 2.11
N LYS A 19 19.29 1.58 3.52
CA LYS A 19 19.96 2.34 4.57
C LYS A 19 19.12 3.52 5.00
N GLN A 20 18.27 4.00 4.08
CA GLN A 20 17.44 5.16 4.32
C GLN A 20 16.65 4.99 5.60
N LEU A 21 16.08 3.79 5.75
CA LEU A 21 15.27 3.44 6.90
C LEU A 21 15.99 3.68 8.21
N THR A 22 17.25 3.24 8.30
CA THR A 22 18.01 3.37 9.56
C THR A 22 18.15 4.82 10.03
N ALA A 23 18.45 5.73 9.10
CA ALA A 23 18.58 7.14 9.45
C ALA A 23 17.25 7.70 9.89
N ILE A 24 16.20 7.33 9.17
CA ILE A 24 14.85 7.81 9.46
C ILE A 24 14.43 7.39 10.87
N ALA A 25 14.68 6.13 11.20
CA ALA A 25 14.33 5.63 12.53
C ALA A 25 15.10 6.34 13.61
N ALA A 26 16.40 6.54 13.37
CA ALA A 26 17.27 7.24 14.33
C ALA A 26 16.83 8.69 14.53
N LEU A 27 16.54 9.38 13.44
CA LEU A 27 16.09 10.78 13.52
C LEU A 27 14.79 10.92 14.30
N ALA A 28 13.88 9.97 14.13
CA ALA A 28 12.58 10.06 14.80
C ALA A 28 12.70 9.88 16.32
N GLU A 29 13.74 9.16 16.76
CA GLU A 29 13.96 8.93 18.18
C GLU A 29 14.82 10.01 18.82
N MET A 30 15.11 11.05 18.05
CA MET A 30 15.98 12.13 18.53
C MET A 30 15.23 13.46 18.71
N GLY A 31 13.99 13.37 19.17
CA GLY A 31 13.24 14.53 19.60
C GLY A 31 12.96 15.57 18.52
N GLU A 32 12.81 16.82 18.95
CA GLU A 32 12.39 17.89 18.07
C GLU A 32 13.36 18.13 16.91
N GLY A 33 14.66 18.05 17.19
CA GLY A 33 15.66 18.26 16.17
C GLY A 33 15.57 17.23 15.06
N GLY A 34 15.55 15.95 15.45
CA GLY A 34 15.44 14.87 14.49
C GLY A 34 14.12 14.91 13.73
N GLN A 35 13.03 15.18 14.43
CA GLN A 35 11.72 15.26 13.81
C GLN A 35 11.60 16.44 12.87
N GLY A 36 12.27 17.53 13.21
CA GLY A 36 12.32 18.69 12.33
C GLY A 36 12.98 18.37 11.01
N ILE A 37 14.05 17.60 11.07
CA ILE A 37 14.76 17.20 9.86
C ILE A 37 13.87 16.34 8.98
N LEU A 38 13.11 15.45 9.60
CA LEU A 38 12.18 14.59 8.87
C LEU A 38 11.07 15.40 8.21
N LEU A 39 10.55 16.37 8.94
CA LEU A 39 9.49 17.23 8.41
C LEU A 39 10.00 18.05 7.22
N ASP A 40 11.22 18.55 7.33
CA ASP A 40 11.80 19.31 6.22
CA ASP A 40 11.82 19.32 6.24
C ASP A 40 11.99 18.43 4.99
N TYR A 41 12.36 17.18 5.21
CA TYR A 41 12.51 16.22 4.12
C TYR A 41 11.19 16.05 3.36
N LEU A 42 10.08 15.91 4.09
CA LEU A 42 8.77 15.79 3.44
C LEU A 42 8.46 17.04 2.64
N ALA A 43 8.72 18.21 3.25
CA ALA A 43 8.42 19.46 2.59
C ALA A 43 9.14 19.58 1.26
N LYS A 44 10.33 18.99 1.18
CA LYS A 44 11.13 19.04 -0.05
C LYS A 44 10.77 17.95 -1.07
N ASN A 45 9.96 16.97 -0.68
CA ASN A 45 9.73 15.82 -1.55
C ASN A 45 8.27 15.45 -1.80
N VAL A 46 7.34 16.21 -1.20
CA VAL A 46 5.90 15.95 -1.33
C VAL A 46 5.25 17.13 -2.01
N PRO A 47 4.28 16.89 -2.94
CA PRO A 47 3.77 15.59 -3.39
C PRO A 47 4.78 14.82 -4.21
N LEU A 48 4.76 13.50 -4.04
CA LEU A 48 5.59 12.63 -4.85
C LEU A 48 5.12 12.67 -6.30
N GLU A 49 6.06 12.48 -7.22
CA GLU A 49 5.69 12.13 -8.57
C GLU A 49 5.76 10.61 -8.64
N LYS A 50 6.97 10.07 -8.62
CA LYS A 50 7.13 8.62 -8.54
C LYS A 50 7.07 8.20 -7.08
N PRO A 51 6.59 6.98 -6.81
CA PRO A 51 6.67 6.47 -5.45
C PRO A 51 8.13 6.35 -5.00
N VAL A 52 8.45 6.92 -3.84
CA VAL A 52 9.79 6.84 -3.27
C VAL A 52 9.63 6.33 -1.84
N LEU A 53 10.18 5.13 -1.58
CA LEU A 53 9.89 4.47 -0.30
C LEU A 53 10.34 5.28 0.90
N ALA A 54 11.50 5.93 0.80
CA ALA A 54 11.98 6.76 1.89
C ALA A 54 10.96 7.81 2.31
N VAL A 55 10.27 8.40 1.35
CA VAL A 55 9.29 9.44 1.65
C VAL A 55 8.09 8.83 2.37
N GLY A 56 7.65 7.66 1.90
CA GLY A 56 6.61 6.93 2.61
C GLY A 56 7.03 6.62 4.04
N ASN A 57 8.25 6.14 4.19
CA ASN A 57 8.76 5.81 5.52
C ASN A 57 8.91 7.01 6.46
N VAL A 58 9.33 8.16 5.93
CA VAL A 58 9.39 9.36 6.76
C VAL A 58 7.99 9.75 7.25
N TYR A 59 7.05 9.84 6.33
CA TYR A 59 5.67 10.20 6.70
C TYR A 59 5.11 9.22 7.73
N GLN A 60 5.23 7.93 7.45
CA GLN A 60 4.61 6.93 8.32
C GLN A 60 5.29 6.84 9.68
N THR A 61 6.62 6.95 9.69
CA THR A 61 7.37 6.98 10.95
C THR A 61 6.91 8.14 11.83
N LEU A 62 6.70 9.30 11.22
CA LEU A 62 6.20 10.45 11.98
C LEU A 62 4.77 10.24 12.45
N ARG A 63 3.91 9.69 11.59
CA ARG A 63 2.54 9.37 12.00
C ARG A 63 2.55 8.41 13.19
N ASN A 64 3.46 7.44 13.14
CA ASN A 64 3.49 6.39 14.16
C ASN A 64 3.92 6.87 15.55
N LEU A 65 4.54 8.04 15.60
CA LEU A 65 4.92 8.65 16.88
C LEU A 65 3.68 8.93 17.71
N GLU A 66 2.55 9.12 17.03
CA GLU A 66 1.28 9.42 17.70
C GLU A 66 1.42 10.59 18.66
N GLN A 67 1.82 11.73 18.12
CA GLN A 67 1.92 12.98 18.87
C GLN A 67 1.06 14.04 18.19
N GLU A 68 0.17 14.67 18.97
CA GLU A 68 -0.78 15.66 18.44
C GLU A 68 -0.18 16.66 17.46
N THR A 69 0.90 17.32 17.86
CA THR A 69 1.43 18.41 17.05
C THR A 69 1.97 17.93 15.71
N ILE A 70 2.69 16.81 15.74
CA ILE A 70 3.21 16.21 14.52
C ILE A 70 2.06 15.75 13.62
N THR A 71 1.11 15.03 14.21
CA THR A 71 -0.04 14.53 13.44
C THR A 71 -0.85 15.67 12.85
N THR A 72 -1.08 16.72 13.66
CA THR A 72 -1.82 17.89 13.20
C THR A 72 -1.09 18.60 12.06
N GLN A 73 0.23 18.74 12.19
CA GLN A 73 1.01 19.39 11.14
C GLN A 73 0.97 18.57 9.85
N LEU A 74 1.07 17.26 9.98
CA LEU A 74 1.01 16.40 8.80
C LEU A 74 -0.35 16.50 8.10
N GLN A 75 -1.42 16.57 8.89
CA GLN A 75 -2.76 16.64 8.31
C GLN A 75 -2.98 17.98 7.63
N ARG A 76 -2.38 19.03 8.21
CA ARG A 76 -2.50 20.38 7.68
CA ARG A 76 -2.50 20.38 7.69
C ARG A 76 -1.72 20.55 6.39
N ASN A 77 -0.46 20.08 6.40
CA ASN A 77 0.44 20.20 5.25
C ASN A 77 0.10 19.19 4.15
N TYR A 78 -0.29 18.00 4.56
CA TYR A 78 -0.49 16.89 3.62
C TYR A 78 -1.86 16.25 3.88
N PRO A 79 -2.94 17.02 3.64
CA PRO A 79 -4.26 16.51 4.02
C PRO A 79 -4.68 15.28 3.23
N THR A 80 -4.08 15.06 2.06
CA THR A 80 -4.39 13.87 1.27
C THR A 80 -3.22 12.91 1.24
N GLY A 81 -2.27 13.10 2.16
CA GLY A 81 -1.09 12.27 2.18
C GLY A 81 0.01 12.73 1.25
N ILE A 82 0.91 11.82 0.90
CA ILE A 82 2.12 12.18 0.16
C ILE A 82 2.08 11.86 -1.33
N PHE A 83 1.04 11.16 -1.76
CA PHE A 83 0.96 10.67 -3.13
C PHE A 83 -0.34 11.16 -3.78
N PRO A 84 -0.26 11.68 -5.02
CA PRO A 84 -1.47 12.19 -5.68
C PRO A 84 -2.55 11.11 -5.78
N LEU A 85 -3.78 11.46 -5.38
CA LEU A 85 -4.83 10.46 -5.32
C LEU A 85 -5.58 10.43 -6.66
N GLN A 86 -4.90 9.96 -7.70
CA GLN A 86 -5.41 10.02 -9.06
C GLN A 86 -6.24 8.81 -9.44
N SER A 87 -7.27 9.07 -10.22
CA SER A 87 -8.19 8.04 -10.70
C SER A 87 -8.66 8.37 -12.10
N ALA A 88 -8.60 7.40 -13.00
CA ALA A 88 -9.10 7.57 -14.36
C ALA A 88 -10.62 7.63 -14.37
N GLN A 89 -11.24 7.31 -13.23
CA GLN A 89 -12.70 7.31 -13.10
CA GLN A 89 -12.70 7.32 -13.12
C GLN A 89 -13.22 8.27 -12.05
N GLY A 90 -12.34 9.13 -11.54
CA GLY A 90 -12.75 10.13 -10.56
C GLY A 90 -13.07 9.61 -9.17
N ILE A 91 -12.59 8.41 -8.87
CA ILE A 91 -12.83 7.76 -7.60
C ILE A 91 -12.09 8.48 -6.45
N ASP A 92 -12.72 8.51 -5.28
CA ASP A 92 -12.11 9.09 -4.07
C ASP A 92 -11.27 8.06 -3.31
N TYR A 93 -9.95 8.25 -3.32
CA TYR A 93 -9.04 7.35 -2.61
C TYR A 93 -8.60 7.88 -1.26
N LEU A 94 -9.16 8.99 -0.82
CA LEU A 94 -8.76 9.51 0.49
C LEU A 94 -9.07 8.57 1.65
N PRO A 95 -10.28 7.97 1.68
CA PRO A 95 -10.48 7.05 2.82
C PRO A 95 -9.48 5.89 2.85
N LEU A 96 -9.02 5.45 1.69
CA LEU A 96 -7.99 4.41 1.67
C LEU A 96 -6.68 4.94 2.25
N GLN A 97 -6.28 6.14 1.83
CA GLN A 97 -5.09 6.76 2.35
C GLN A 97 -5.19 6.95 3.87
N GLU A 98 -6.37 7.33 4.35
CA GLU A 98 -6.51 7.63 5.76
C GLU A 98 -6.38 6.35 6.59
N ALA A 99 -6.96 5.26 6.10
CA ALA A 99 -6.83 3.99 6.80
C ALA A 99 -5.37 3.54 6.83
N LEU A 100 -4.67 3.68 5.71
CA LEU A 100 -3.26 3.31 5.65
C LEU A 100 -2.37 4.20 6.54
N GLY A 101 -2.64 5.51 6.55
CA GLY A 101 -1.89 6.41 7.41
C GLY A 101 -2.09 6.11 8.89
N SER A 102 -3.24 5.55 9.23
CA SER A 102 -3.52 5.13 10.60
C SER A 102 -3.04 3.73 10.91
N GLN A 103 -2.46 3.09 9.89
CA GLN A 103 -2.00 1.70 9.97
C GLN A 103 -3.13 0.74 10.33
N ASP A 104 -4.35 1.10 9.90
CA ASP A 104 -5.52 0.24 10.06
C ASP A 104 -5.62 -0.60 8.79
N PHE A 105 -4.81 -1.64 8.72
CA PHE A 105 -4.71 -2.40 7.48
C PHE A 105 -5.96 -3.20 7.19
N GLU A 106 -6.70 -3.57 8.23
CA GLU A 106 -7.92 -4.32 7.99
C GLU A 106 -8.96 -3.45 7.29
N THR A 107 -9.13 -2.23 7.77
CA THR A 107 -10.03 -1.30 7.10
C THR A 107 -9.51 -0.98 5.69
N ALA A 108 -8.21 -0.78 5.55
CA ALA A 108 -7.65 -0.51 4.22
C ALA A 108 -7.95 -1.64 3.24
N ASP A 109 -7.88 -2.88 3.74
CA ASP A 109 -8.17 -4.03 2.91
C ASP A 109 -9.64 -4.01 2.45
N GLU A 110 -10.56 -3.72 3.38
CA GLU A 110 -11.98 -3.67 3.04
C GLU A 110 -12.24 -2.58 2.02
N ILE A 111 -11.64 -1.42 2.23
CA ILE A 111 -11.83 -0.31 1.32
C ILE A 111 -11.30 -0.64 -0.08
N THR A 112 -10.12 -1.27 -0.14
CA THR A 112 -9.51 -1.63 -1.41
C THR A 112 -10.42 -2.58 -2.19
N ARG A 113 -10.99 -3.55 -1.49
CA ARG A 113 -11.91 -4.48 -2.15
CA ARG A 113 -11.93 -4.49 -2.12
C ARG A 113 -13.12 -3.75 -2.72
N ASP A 114 -13.68 -2.84 -1.94
CA ASP A 114 -14.83 -2.08 -2.40
CA ASP A 114 -14.82 -2.05 -2.38
C ASP A 114 -14.44 -1.17 -3.57
N LYS A 115 -13.27 -0.56 -3.49
CA LYS A 115 -12.83 0.34 -4.56
C LYS A 115 -12.60 -0.38 -5.87
N LEU A 116 -12.07 -1.61 -5.82
CA LEU A 116 -11.87 -2.37 -7.04
C LEU A 116 -13.20 -2.69 -7.72
N CYS A 117 -14.23 -2.99 -6.93
CA CYS A 117 -15.56 -3.18 -7.49
C CYS A 117 -16.11 -1.88 -8.10
N GLU A 118 -15.95 -0.77 -7.39
CA GLU A 118 -16.34 0.54 -7.88
C GLU A 118 -15.65 0.85 -9.21
N LEU A 119 -14.36 0.52 -9.29
CA LEU A 119 -13.58 0.74 -10.50
C LEU A 119 -14.11 -0.08 -11.68
N ALA A 120 -14.51 -1.33 -11.40
CA ALA A 120 -15.04 -2.22 -12.44
C ALA A 120 -16.40 -1.76 -12.95
N GLY A 121 -17.14 -1.03 -12.13
CA GLY A 121 -18.40 -0.48 -12.61
C GLY A 121 -19.60 -0.97 -11.85
N PRO A 122 -20.80 -0.63 -12.34
CA PRO A 122 -22.09 -0.92 -11.72
C PRO A 122 -22.33 -2.40 -11.43
N GLY A 123 -22.00 -3.26 -12.38
CA GLY A 123 -22.21 -4.68 -12.25
C GLY A 123 -21.41 -5.27 -11.11
N ALA A 124 -20.11 -4.96 -11.09
CA ALA A 124 -19.27 -5.46 -10.01
C ALA A 124 -19.69 -4.86 -8.67
N SER A 125 -20.10 -3.59 -8.68
CA SER A 125 -20.50 -2.94 -7.45
C SER A 125 -21.76 -3.60 -6.89
N GLN A 126 -22.64 -4.04 -7.77
CA GLN A 126 -23.86 -4.71 -7.36
C GLN A 126 -23.59 -6.11 -6.83
N ARG A 127 -22.83 -6.90 -7.58
CA ARG A 127 -22.64 -8.31 -7.22
C ARG A 127 -21.62 -8.43 -6.08
N GLN A 128 -20.75 -7.41 -5.96
CA GLN A 128 -19.74 -7.32 -4.90
CA GLN A 128 -19.71 -7.28 -4.94
C GLN A 128 -18.58 -8.29 -5.09
N TRP A 129 -18.27 -8.61 -6.34
CA TRP A 129 -17.08 -9.38 -6.68
C TRP A 129 -16.78 -9.19 -8.15
N LEU A 130 -15.56 -9.54 -8.55
CA LEU A 130 -15.03 -9.21 -9.88
C LEU A 130 -15.00 -10.39 -10.83
N TYR A 131 -15.15 -10.09 -12.13
CA TYR A 131 -14.81 -11.04 -13.18
C TYR A 131 -13.41 -10.71 -13.67
N PHE A 132 -12.67 -11.73 -14.11
CA PHE A 132 -11.29 -11.51 -14.53
C PHE A 132 -11.20 -10.54 -15.71
N THR A 133 -12.20 -10.54 -16.57
CA THR A 133 -12.19 -9.62 -17.71
C THR A 133 -12.32 -8.16 -17.28
N GLU A 134 -13.01 -7.90 -16.17
CA GLU A 134 -13.09 -6.56 -15.63
C GLU A 134 -11.72 -6.11 -15.12
N VAL A 135 -10.99 -7.03 -14.51
CA VAL A 135 -9.66 -6.74 -14.00
C VAL A 135 -8.73 -6.40 -15.17
N GLU A 136 -8.83 -7.17 -16.24
CA GLU A 136 -7.99 -6.93 -17.41
C GLU A 136 -8.19 -5.53 -17.98
N LYS A 137 -9.40 -5.01 -17.82
CA LYS A 137 -9.74 -3.70 -18.38
C LYS A 137 -9.60 -2.54 -17.39
N PHE A 138 -9.17 -2.82 -16.17
CA PHE A 138 -8.94 -1.74 -15.20
C PHE A 138 -8.02 -0.70 -15.80
N PRO A 139 -8.27 0.58 -15.52
CA PRO A 139 -7.26 1.58 -15.91
C PRO A 139 -6.00 1.44 -15.07
N ALA A 140 -4.85 1.56 -15.72
CA ALA A 140 -3.57 1.44 -15.03
C ALA A 140 -3.43 2.49 -13.93
N LEU A 141 -3.92 3.70 -14.17
CA LEU A 141 -3.71 4.80 -13.22
C LEU A 141 -4.25 4.49 -11.82
N ASP A 142 -5.46 3.95 -11.75
CA ASP A 142 -6.07 3.64 -10.46
C ASP A 142 -5.32 2.54 -9.73
N LEU A 143 -4.87 1.53 -10.48
CA LEU A 143 -4.12 0.45 -9.86
C LEU A 143 -2.80 0.97 -9.33
N HIS A 144 -2.20 1.92 -10.05
CA HIS A 144 -0.96 2.54 -9.59
C HIS A 144 -1.19 3.31 -8.29
N THR A 145 -2.27 4.09 -8.23
CA THR A 145 -2.56 4.85 -7.02
C THR A 145 -2.80 3.93 -5.83
N ILE A 146 -3.66 2.93 -6.02
CA ILE A 146 -3.95 1.98 -4.95
C ILE A 146 -2.70 1.25 -4.49
N ASN A 147 -1.92 0.74 -5.43
CA ASN A 147 -0.69 0.05 -5.07
C ASN A 147 0.33 0.94 -4.37
N ALA A 148 0.50 2.15 -4.90
CA ALA A 148 1.46 3.10 -4.31
C ALA A 148 1.11 3.36 -2.86
N LEU A 149 -0.18 3.54 -2.56
CA LEU A 149 -0.59 3.78 -1.18
C LEU A 149 -0.23 2.60 -0.29
N TRP A 150 -0.56 1.39 -0.70
CA TRP A 150 -0.23 0.22 0.12
C TRP A 150 1.26 0.10 0.35
N TRP A 151 2.03 0.33 -0.71
CA TRP A 151 3.47 0.15 -0.65
C TRP A 151 4.14 1.24 0.20
N LEU A 152 3.75 2.49 -0.04
CA LEU A 152 4.35 3.62 0.69
C LEU A 152 4.08 3.58 2.19
N HIS A 153 2.96 2.99 2.57
CA HIS A 153 2.51 2.99 3.96
C HIS A 153 2.80 1.66 4.68
N SER A 154 3.60 0.81 4.05
CA SER A 154 3.91 -0.50 4.63
C SER A 154 5.39 -0.84 4.54
N ASN A 155 6.24 0.18 4.33
CA ASN A 155 7.68 -0.05 4.11
C ASN A 155 7.92 -1.04 2.98
N GLY A 156 7.09 -0.97 1.95
CA GLY A 156 7.19 -1.84 0.80
C GLY A 156 6.79 -3.28 1.04
N ASN A 157 6.18 -3.58 2.19
CA ASN A 157 5.81 -4.94 2.57
CA ASN A 157 5.83 -4.95 2.51
C ASN A 157 4.52 -5.40 1.89
N PHE A 158 3.62 -4.45 1.67
CA PHE A 158 2.29 -4.76 1.10
C PHE A 158 2.09 -4.14 -0.28
N GLY A 159 1.15 -4.70 -1.03
CA GLY A 159 0.83 -4.22 -2.36
C GLY A 159 0.71 -5.36 -3.35
N PHE A 160 -0.13 -5.18 -4.37
CA PHE A 160 -0.22 -6.14 -5.46
C PHE A 160 1.10 -6.29 -6.20
N SER A 161 1.87 -5.20 -6.27
CA SER A 161 3.17 -5.28 -6.95
C SER A 161 4.09 -6.24 -6.23
N VAL A 162 3.98 -6.29 -4.91
CA VAL A 162 4.81 -7.14 -4.06
C VAL A 162 4.43 -8.60 -4.28
N GLN A 163 3.13 -8.87 -4.28
CA GLN A 163 2.62 -10.20 -4.58
C GLN A 163 3.04 -10.66 -5.97
N ARG A 164 2.91 -9.77 -6.94
CA ARG A 164 3.31 -10.09 -8.30
C ARG A 164 4.79 -10.49 -8.38
N ARG A 165 5.66 -9.75 -7.71
CA ARG A 165 7.07 -10.12 -7.76
C ARG A 165 7.36 -11.46 -7.07
N LEU A 166 6.65 -11.75 -5.98
CA LEU A 166 6.77 -13.05 -5.33
C LEU A 166 6.23 -14.16 -6.22
N TRP A 167 5.17 -13.86 -6.96
CA TRP A 167 4.60 -14.82 -7.90
C TRP A 167 5.58 -15.14 -9.02
N LEU A 168 6.20 -14.10 -9.57
CA LEU A 168 7.24 -14.27 -10.58
C LEU A 168 8.39 -15.10 -10.04
N ALA A 169 8.72 -14.90 -8.77
CA ALA A 169 9.81 -15.63 -8.13
C ALA A 169 9.38 -17.03 -7.67
N SER A 170 8.12 -17.38 -7.95
CA SER A 170 7.58 -18.70 -7.65
C SER A 170 7.29 -19.45 -8.94
N GLY A 171 7.91 -19.01 -10.02
CA GLY A 171 7.67 -19.60 -11.33
C GLY A 171 6.21 -19.52 -11.75
N LYS A 172 5.53 -18.48 -11.26
CA LYS A 172 4.10 -18.26 -11.51
C LYS A 172 3.23 -19.42 -11.04
N GLU A 173 3.74 -20.20 -10.09
CA GLU A 173 2.94 -21.27 -9.50
C GLU A 173 2.21 -20.75 -8.27
N PHE A 174 0.90 -20.59 -8.39
CA PHE A 174 0.13 -20.05 -7.29
C PHE A 174 0.24 -20.91 -6.03
N THR A 175 0.35 -22.23 -6.20
CA THR A 175 0.49 -23.12 -5.04
C THR A 175 1.77 -22.84 -4.25
N LYS A 176 2.78 -22.31 -4.92
CA LYS A 176 3.99 -21.90 -4.22
C LYS A 176 3.85 -20.49 -3.64
N LEU A 177 3.00 -19.66 -4.25
CA LEU A 177 2.81 -18.31 -3.77
C LEU A 177 2.05 -18.25 -2.44
N TRP A 178 0.99 -19.03 -2.31
CA TRP A 178 0.15 -18.91 -1.11
C TRP A 178 0.88 -19.04 0.22
N PRO A 179 1.75 -20.06 0.36
CA PRO A 179 2.43 -20.15 1.66
C PRO A 179 3.40 -18.99 1.88
N LYS A 180 4.01 -18.51 0.80
CA LYS A 180 4.95 -17.40 0.95
C LYS A 180 4.28 -16.17 1.54
N ILE A 181 3.07 -15.89 1.07
CA ILE A 181 2.37 -14.67 1.50
C ILE A 181 1.39 -14.91 2.65
N GLY A 182 1.33 -16.15 3.15
CA GLY A 182 0.55 -16.45 4.34
C GLY A 182 -0.92 -16.75 4.12
N TRP A 183 -1.30 -17.08 2.90
CA TRP A 183 -2.72 -17.32 2.60
C TRP A 183 -3.10 -18.79 2.70
N LYS A 184 -2.10 -19.65 2.78
CA LYS A 184 -2.31 -21.05 3.02
C LYS A 184 -1.16 -21.52 3.88
N SER A 185 -1.44 -22.47 4.76
CA SER A 185 -0.43 -23.07 5.63
C SER A 185 -0.62 -24.56 5.44
N GLY A 186 0.28 -25.18 4.69
CA GLY A 186 0.08 -26.55 4.25
C GLY A 186 -1.20 -26.66 3.44
N ASN A 187 -2.07 -27.57 3.87
CA ASN A 187 -3.32 -27.82 3.16
C ASN A 187 -4.45 -26.90 3.64
N VAL A 188 -4.16 -26.08 4.64
CA VAL A 188 -5.18 -25.25 5.27
C VAL A 188 -5.17 -23.82 4.73
N TRP A 189 -6.27 -23.40 4.11
CA TRP A 189 -6.41 -22.00 3.70
C TRP A 189 -6.56 -21.13 4.94
N THR A 190 -5.91 -19.97 4.92
CA THR A 190 -6.09 -18.99 5.99
C THR A 190 -7.55 -18.53 5.96
N ARG A 191 -8.17 -18.51 7.14
CA ARG A 191 -9.60 -18.25 7.25
C ARG A 191 -9.85 -16.76 7.44
N TRP A 192 -10.72 -16.19 6.62
CA TRP A 192 -11.07 -14.78 6.71
C TRP A 192 -12.23 -14.60 7.70
N PRO A 193 -12.17 -13.55 8.54
CA PRO A 193 -11.11 -12.54 8.62
C PRO A 193 -10.07 -12.77 9.71
N LYS A 194 -10.38 -13.63 10.68
CA LYS A 194 -9.53 -13.73 11.88
C LYS A 194 -8.17 -14.39 11.67
N GLY A 195 -8.03 -15.20 10.62
CA GLY A 195 -6.79 -15.92 10.40
C GLY A 195 -5.67 -15.06 9.86
N PHE A 196 -6.02 -13.90 9.34
CA PHE A 196 -5.04 -13.05 8.69
C PHE A 196 -4.32 -12.14 9.68
N THR A 197 -3.19 -11.60 9.26
CA THR A 197 -2.34 -10.78 10.11
C THR A 197 -2.41 -9.32 9.65
N TRP A 198 -3.13 -8.52 10.41
CA TRP A 198 -3.48 -7.17 10.00
C TRP A 198 -2.46 -6.14 10.47
N ASP A 199 -1.19 -6.51 10.48
CA ASP A 199 -0.13 -5.58 10.87
C ASP A 199 1.16 -5.90 10.13
N LEU A 200 2.20 -5.11 10.37
CA LEU A 200 3.46 -5.26 9.65
C LEU A 200 4.31 -6.44 10.09
N SER A 201 3.82 -7.22 11.05
CA SER A 201 4.50 -8.48 11.37
C SER A 201 4.15 -9.55 10.32
N ALA A 202 3.16 -9.27 9.49
CA ALA A 202 2.73 -10.17 8.42
C ALA A 202 3.85 -10.39 7.39
N PRO A 203 3.81 -11.54 6.69
CA PRO A 203 4.82 -11.77 5.67
C PRO A 203 4.71 -10.78 4.51
N GLN A 204 5.83 -10.57 3.82
CA GLN A 204 5.85 -9.76 2.61
C GLN A 204 4.76 -10.22 1.67
N GLY A 205 3.97 -9.27 1.18
CA GLY A 205 2.91 -9.59 0.22
C GLY A 205 1.58 -10.04 0.82
N HIS A 206 1.47 -10.03 2.15
CA HIS A 206 0.29 -10.57 2.82
C HIS A 206 -1.00 -9.84 2.42
N LEU A 207 -0.91 -8.52 2.24
CA LEU A 207 -2.06 -7.68 1.88
C LEU A 207 -1.75 -6.89 0.61
N PRO A 208 -2.78 -6.48 -0.15
CA PRO A 208 -4.22 -6.69 0.10
C PRO A 208 -4.65 -8.12 -0.23
N LEU A 209 -5.73 -8.55 0.37
CA LEU A 209 -6.24 -9.91 0.13
C LEU A 209 -7.00 -10.03 -1.18
N LEU A 210 -6.84 -11.19 -1.83
CA LEU A 210 -7.63 -11.56 -2.99
C LEU A 210 -8.30 -12.89 -2.71
N ASN A 211 -9.59 -12.83 -2.38
CA ASN A 211 -10.34 -14.04 -2.04
C ASN A 211 -10.22 -15.09 -3.14
N GLN A 212 -9.92 -16.33 -2.76
CA GLN A 212 -9.75 -17.42 -3.73
C GLN A 212 -11.01 -18.29 -3.89
N LEU A 213 -12.09 -17.86 -3.26
CA LEU A 213 -13.37 -18.57 -3.35
C LEU A 213 -13.82 -18.81 -4.78
N ARG A 214 -13.51 -17.89 -5.69
CA ARG A 214 -13.88 -18.07 -7.09
C ARG A 214 -12.66 -18.31 -7.98
N GLY A 215 -11.62 -18.91 -7.42
CA GLY A 215 -10.46 -19.29 -8.22
C GLY A 215 -9.48 -18.15 -8.39
N VAL A 216 -8.39 -18.48 -9.08
CA VAL A 216 -7.22 -17.60 -9.22
CA VAL A 216 -7.25 -17.58 -9.18
C VAL A 216 -7.31 -16.63 -10.39
N ARG A 217 -8.37 -16.72 -11.17
CA ARG A 217 -8.44 -15.97 -12.44
C ARG A 217 -8.28 -14.46 -12.23
N VAL A 218 -8.98 -13.92 -11.24
CA VAL A 218 -8.85 -12.50 -10.93
C VAL A 218 -7.42 -12.11 -10.52
N ALA A 219 -6.82 -12.89 -9.63
CA ALA A 219 -5.46 -12.60 -9.19
C ALA A 219 -4.49 -12.67 -10.35
N GLU A 220 -4.62 -13.69 -11.21
CA GLU A 220 -3.71 -13.82 -12.33
C GLU A 220 -3.86 -12.65 -13.30
N SER A 221 -5.09 -12.28 -13.60
CA SER A 221 -5.32 -11.13 -14.47
C SER A 221 -4.76 -9.86 -13.87
N LEU A 222 -4.86 -9.72 -12.55
CA LEU A 222 -4.32 -8.54 -11.88
C LEU A 222 -2.79 -8.52 -11.96
N TYR A 223 -2.14 -9.64 -11.69
CA TYR A 223 -0.68 -9.67 -11.72
C TYR A 223 -0.12 -9.53 -13.13
N ARG A 224 -0.91 -9.91 -14.13
CA ARG A 224 -0.47 -9.78 -15.53
C ARG A 224 -0.84 -8.44 -16.15
N HIS A 225 -1.53 -7.58 -15.42
CA HIS A 225 -1.99 -6.30 -15.94
C HIS A 225 -0.78 -5.44 -16.34
N PRO A 226 -0.89 -4.67 -17.44
CA PRO A 226 0.24 -3.86 -17.91
C PRO A 226 0.72 -2.77 -16.94
N VAL A 227 -0.06 -2.44 -15.91
CA VAL A 227 0.32 -1.35 -15.03
C VAL A 227 1.70 -1.57 -14.38
N TRP A 228 2.02 -2.81 -14.04
CA TRP A 228 3.24 -3.03 -13.25
C TRP A 228 4.48 -2.67 -14.06
N SER A 229 4.54 -3.14 -15.29
CA SER A 229 5.64 -2.78 -16.17
C SER A 229 5.61 -1.31 -16.57
N GLN A 230 4.41 -0.80 -16.83
CA GLN A 230 4.25 0.57 -17.30
C GLN A 230 4.77 1.60 -16.30
N TYR A 231 4.54 1.33 -15.02
CA TYR A 231 4.92 2.27 -13.97
C TYR A 231 6.15 1.83 -13.18
N GLY A 232 6.84 0.79 -13.67
CA GLY A 232 8.11 0.40 -13.09
C GLY A 232 8.03 -0.28 -11.74
N TRP A 233 6.96 -1.03 -11.52
CA TRP A 233 6.81 -1.81 -10.30
C TRP A 233 7.49 -3.16 -10.40
CHA DE9 B . -14.80 -14.51 2.13
CHB DE9 B . -9.80 -13.82 1.59
CHC DE9 B . -9.31 -18.68 0.29
CHD DE9 B . -14.24 -19.42 1.05
NA DE9 B . -12.25 -14.57 1.85
C1A DE9 B . -13.44 -13.93 1.98
C2A DE9 B . -13.21 -12.57 1.99
C3A DE9 B . -11.83 -12.39 1.83
C4A DE9 B . -11.27 -13.65 1.75
CMA DE9 B . -11.07 -11.11 1.77
CAA DE9 B . -14.19 -11.45 2.12
CBA DE9 B . -14.70 -10.84 0.86
CGA DE9 B . -15.59 -11.74 0.08
O1A DE9 B . -15.31 -12.05 -1.11
O2A DE9 B . -16.63 -12.19 0.62
NB DE9 B . -9.96 -16.30 1.01
C1B DE9 B . -9.29 -15.15 1.16
C2B DE9 B . -7.95 -15.34 0.83
C3B DE9 B . -7.82 -16.68 0.49
C4B DE9 B . -9.08 -17.25 0.61
CMB DE9 B . -6.86 -14.32 0.85
NC DE9 B . -11.79 -18.71 0.87
C1C DE9 B . -10.70 -19.20 0.28
C2C DE9 B . -11.03 -20.36 -0.38
C3C DE9 B . -12.38 -20.56 -0.18
C4C DE9 B . -12.82 -19.52 0.61
CMC DE9 B . -10.12 -21.23 -1.17
ND DE9 B . -14.12 -16.92 1.53
C1D DE9 B . -14.78 -18.09 1.39
C2D DE9 B . -16.14 -17.89 1.65
C3D DE9 B . -16.26 -16.55 1.95
C4D DE9 B . -15.01 -15.97 1.86
CMD DE9 B . -17.25 -18.89 1.62
CAD DE9 B . -17.54 -15.84 2.26
CBD DE9 B . -18.06 -15.13 1.05
CGD DE9 B . -19.49 -14.74 0.99
O1D DE9 B . -20.25 -15.10 1.91
O2D DE9 B . -19.92 -14.06 0.01
#